data_5LSQ
#
_entry.id   5LSQ
#
_cell.length_a   79.590
_cell.length_b   97.750
_cell.length_c   98.550
_cell.angle_alpha   90.000
_cell.angle_beta   90.000
_cell.angle_gamma   90.000
#
_symmetry.space_group_name_H-M   'I 2 2 2'
#
loop_
_entity.id
_entity.type
_entity.pdbx_description
1 polymer 'Ethylene Forming Enzyme'
2 non-polymer 'MANGANESE (II) ION'
3 non-polymer 'CHLORIDE ION'
4 non-polymer 2-[3-(2-HYDROXY-1,1-DIHYDROXYMETHYL-ETHYLAMINO)-PROPYLAMINO]-2-HYDROXYMETHYL-PROPANE-1,3-DIOL
5 non-polymer GLYCEROL
6 water water
#
_entity_poly.entity_id   1
_entity_poly.type   'polypeptide(L)'
_entity_poly.pdbx_seq_one_letter_code
;MNHKVHHHHHHNLQTFELPTEVTGCAADISLGRALIQAWQKDGIFQIKTDSEQDRKTQEAMAASKQFCKEPLTFKSSCVS
DLTYSGYVASGEEVTAGKPDFPEIFTVCKDLSVGDQRVKAGWPCHGPVPWPNNTYQKSMKTFMEELGLAGERLLKLTALG
FELPINTFTDLTRDGWHHMRVLRFPPQTSTLSRGIGAHTDYGLLVIAAQDDVGGLYIRPPVEGEKRNRNWLPGESSAGMF
EHDEPWTFVTPTPGVWTVFPGDILQFMTGGQLLSTPHKVKLNTRERFACAYFHEPNFEASAYPLFEPSANERIHYGEHFT
NMFMRCYPDRITTQRINKENRLAHLEDLKKYSDTRATGS
;
_entity_poly.pdbx_strand_id   A
#
loop_
_chem_comp.id
_chem_comp.type
_chem_comp.name
_chem_comp.formula
B3P non-polymer 2-[3-(2-HYDROXY-1,1-DIHYDROXYMETHYL-ETHYLAMINO)-PROPYLAMINO]-2-HYDROXYMETHYL-PROPANE-1,3-DIOL 'C11 H26 N2 O6'
CL non-polymer 'CHLORIDE ION' 'Cl -1'
GOL non-polymer GLYCEROL 'C3 H8 O3'
MN non-polymer 'MANGANESE (II) ION' 'Mn 2'
#
# COMPACT_ATOMS: atom_id res chain seq x y z
N ASN A 12 18.20 15.40 1.34
CA ASN A 12 18.95 14.22 0.90
C ASN A 12 18.20 13.38 -0.16
N LEU A 13 16.92 13.06 0.06
CA LEU A 13 16.21 12.27 -0.97
C LEU A 13 16.07 13.05 -2.25
N GLN A 14 16.05 12.33 -3.36
CA GLN A 14 15.81 12.91 -4.66
C GLN A 14 14.33 13.28 -4.84
N THR A 15 14.08 14.40 -5.52
CA THR A 15 12.72 14.86 -5.80
C THR A 15 12.47 15.02 -7.28
N PHE A 16 11.34 14.51 -7.73
CA PHE A 16 10.97 14.61 -9.13
C PHE A 16 9.63 15.31 -9.30
N GLU A 17 9.44 15.95 -10.44
CA GLU A 17 8.13 16.51 -10.80
C GLU A 17 7.58 15.66 -11.95
N LEU A 18 6.40 15.09 -11.76
CA LEU A 18 5.81 14.24 -12.79
C LEU A 18 5.03 15.09 -13.76
N PRO A 19 5.12 14.77 -15.05
CA PRO A 19 4.22 15.42 -16.01
C PRO A 19 2.76 15.03 -15.77
N THR A 20 1.84 15.90 -16.15
CA THR A 20 0.41 15.58 -15.99
C THR A 20 0.03 14.36 -16.83
N GLU A 21 0.51 14.32 -18.07
CA GLU A 21 0.24 13.21 -18.96
C GLU A 21 1.58 12.60 -19.38
N VAL A 22 1.65 11.28 -19.34
CA VAL A 22 2.86 10.56 -19.79
C VAL A 22 2.54 10.03 -21.18
N THR A 23 3.31 10.44 -22.19
CA THR A 23 3.00 10.06 -23.55
C THR A 23 3.97 9.08 -24.20
N GLY A 24 5.15 8.93 -23.62
CA GLY A 24 6.16 8.06 -24.24
C GLY A 24 7.25 8.78 -24.99
N CYS A 25 7.26 10.09 -24.95
CA CYS A 25 8.35 10.81 -25.62
C CYS A 25 9.68 10.49 -24.97
N ALA A 26 10.77 10.86 -25.64
CA ALA A 26 12.09 10.47 -25.15
C ALA A 26 12.41 11.06 -23.79
N ALA A 27 11.87 12.24 -23.52
CA ALA A 27 12.01 12.83 -22.17
C ALA A 27 11.29 12.06 -21.08
N ASP A 28 10.13 11.50 -21.41
CA ASP A 28 9.43 10.63 -20.46
C ASP A 28 10.27 9.40 -20.15
N ILE A 29 10.92 8.85 -21.18
CA ILE A 29 11.73 7.65 -20.98
C ILE A 29 12.91 8.02 -20.09
N SER A 30 13.50 9.17 -20.31
CA SER A 30 14.63 9.63 -19.50
C SER A 30 14.21 9.78 -18.04
N LEU A 31 13.04 10.36 -17.82
CA LEU A 31 12.51 10.51 -16.46
C LEU A 31 12.28 9.15 -15.82
N GLY A 32 11.67 8.23 -16.55
CA GLY A 32 11.43 6.91 -16.01
C GLY A 32 12.74 6.23 -15.63
N ARG A 33 13.77 6.38 -16.46
CA ARG A 33 15.09 5.81 -16.13
C ARG A 33 15.63 6.40 -14.83
N ALA A 34 15.41 7.69 -14.63
CA ALA A 34 15.90 8.37 -13.43
C ALA A 34 15.13 7.90 -12.20
N LEU A 35 13.83 7.62 -12.33
CA LEU A 35 13.04 7.06 -11.21
C LEU A 35 13.56 5.71 -10.83
N ILE A 36 13.78 4.85 -11.81
CA ILE A 36 14.36 3.53 -11.57
C ILE A 36 15.73 3.65 -10.90
N GLN A 37 16.62 4.49 -11.44
CA GLN A 37 17.92 4.69 -10.82
C GLN A 37 17.79 5.14 -9.35
N ALA A 38 16.85 6.03 -9.05
CA ALA A 38 16.69 6.51 -7.66
C ALA A 38 16.24 5.37 -6.77
N TRP A 39 15.29 4.57 -7.23
CA TRP A 39 14.93 3.39 -6.45
C TRP A 39 16.10 2.43 -6.26
N GLN A 40 16.91 2.22 -7.29
CA GLN A 40 18.06 1.31 -7.22
C GLN A 40 19.19 1.86 -6.31
N LYS A 41 19.27 3.17 -6.15
CA LYS A 41 20.28 3.77 -5.30
C LYS A 41 19.80 3.97 -3.86
N ASP A 42 18.61 4.57 -3.72
CA ASP A 42 18.10 5.05 -2.44
C ASP A 42 16.90 4.24 -1.89
N GLY A 43 16.22 3.47 -2.72
CA GLY A 43 15.02 2.75 -2.30
C GLY A 43 13.73 3.54 -2.29
N ILE A 44 13.80 4.83 -2.61
CA ILE A 44 12.69 5.74 -2.43
C ILE A 44 13.04 7.01 -3.18
N PHE A 45 12.00 7.76 -3.55
CA PHE A 45 12.18 9.17 -3.96
C PHE A 45 10.91 9.94 -3.58
N GLN A 46 11.06 11.26 -3.65
CA GLN A 46 9.97 12.22 -3.45
C GLN A 46 9.40 12.64 -4.81
N ILE A 47 8.08 12.82 -4.84
CA ILE A 47 7.46 13.55 -5.94
C ILE A 47 6.81 14.81 -5.41
N LYS A 48 7.01 15.88 -6.16
CA LYS A 48 6.44 17.16 -5.83
C LYS A 48 4.93 17.14 -5.91
N THR A 49 4.29 17.71 -4.92
CA THR A 49 2.85 17.91 -5.00
C THR A 49 2.52 19.34 -5.31
N ASP A 50 1.53 19.54 -6.16
CA ASP A 50 1.03 20.88 -6.34
C ASP A 50 0.05 21.30 -5.25
N SER A 51 -0.46 22.53 -5.37
CA SER A 51 -1.25 23.12 -4.30
C SER A 51 -2.49 22.28 -3.99
N GLU A 52 -3.14 21.76 -5.03
CA GLU A 52 -4.35 20.94 -4.82
C GLU A 52 -4.02 19.58 -4.20
N GLN A 53 -2.97 18.93 -4.70
CA GLN A 53 -2.57 17.64 -4.16
C GLN A 53 -2.21 17.82 -2.70
N ASP A 54 -1.51 18.91 -2.41
CA ASP A 54 -1.12 19.15 -1.02
C ASP A 54 -2.30 19.45 -0.11
N ARG A 55 -3.22 20.27 -0.58
CA ARG A 55 -4.44 20.58 0.17
C ARG A 55 -5.22 19.31 0.49
N LYS A 56 -5.40 18.44 -0.49
CA LYS A 56 -6.16 17.22 -0.26
C LYS A 56 -5.46 16.31 0.75
N THR A 57 -4.12 16.30 0.74
CA THR A 57 -3.36 15.48 1.66
C THR A 57 -3.62 15.99 3.09
N GLN A 58 -3.50 17.29 3.29
CA GLN A 58 -3.67 17.88 4.62
C GLN A 58 -5.10 17.67 5.14
N GLU A 59 -6.10 17.74 4.27
CA GLU A 59 -7.47 17.54 4.68
C GLU A 59 -7.68 16.11 5.15
N ALA A 60 -7.10 15.14 4.44
CA ALA A 60 -7.19 13.75 4.85
C ALA A 60 -6.57 13.53 6.24
N MET A 61 -5.40 14.13 6.48
CA MET A 61 -4.76 13.98 7.79
C MET A 61 -5.61 14.60 8.89
N ALA A 62 -6.24 15.72 8.59
CA ALA A 62 -7.11 16.38 9.56
C ALA A 62 -8.32 15.50 9.89
N ALA A 63 -8.95 14.92 8.88
CA ALA A 63 -10.07 13.99 9.11
C ALA A 63 -9.66 12.79 9.94
N SER A 64 -8.48 12.26 9.67
CA SER A 64 -7.97 11.15 10.41
C SER A 64 -7.81 11.50 11.90
N LYS A 65 -7.22 12.65 12.19
CA LYS A 65 -7.02 13.08 13.56
C LYS A 65 -8.34 13.22 14.29
N GLN A 66 -9.34 13.79 13.62
CA GLN A 66 -10.64 13.93 14.23
C GLN A 66 -11.29 12.59 14.52
N PHE A 67 -11.17 11.66 13.58
CA PHE A 67 -11.78 10.34 13.77
C PHE A 67 -11.15 9.61 14.93
N CYS A 68 -9.83 9.73 15.07
CA CYS A 68 -9.12 8.98 16.11
C CYS A 68 -9.48 9.48 17.49
N LYS A 69 -10.03 10.70 17.60
CA LYS A 69 -10.49 11.20 18.87
C LYS A 69 -11.87 10.72 19.28
N GLU A 70 -12.56 10.02 18.39
CA GLU A 70 -13.86 9.42 18.71
C GLU A 70 -13.68 8.30 19.71
N PRO A 71 -14.73 7.99 20.45
CA PRO A 71 -14.56 6.89 21.40
C PRO A 71 -14.29 5.55 20.73
N LEU A 72 -13.52 4.71 21.41
CA LEU A 72 -13.19 3.42 20.86
C LEU A 72 -14.44 2.58 20.50
N THR A 73 -15.51 2.68 21.30
CA THR A 73 -16.71 1.96 20.95
C THR A 73 -17.23 2.35 19.57
N PHE A 74 -17.15 3.62 19.23
CA PHE A 74 -17.57 4.03 17.89
C PHE A 74 -16.59 3.59 16.82
N LYS A 75 -15.30 3.80 17.05
CA LYS A 75 -14.31 3.42 16.04
C LYS A 75 -14.41 1.93 15.69
N SER A 76 -14.56 1.10 16.74
CA SER A 76 -14.66 -0.35 16.58
CA SER A 76 -14.64 -0.35 16.56
C SER A 76 -15.91 -0.78 15.84
N SER A 77 -16.91 0.09 15.74
CA SER A 77 -18.13 -0.24 15.00
C SER A 77 -17.98 -0.04 13.49
N CYS A 78 -16.86 0.56 13.08
CA CYS A 78 -16.63 0.86 11.67
C CYS A 78 -15.95 -0.35 11.04
N VAL A 79 -16.73 -1.43 10.90
CA VAL A 79 -16.25 -2.71 10.40
CA VAL A 79 -16.25 -2.71 10.40
C VAL A 79 -17.33 -3.30 9.52
N SER A 80 -16.93 -4.16 8.62
CA SER A 80 -17.87 -4.81 7.69
C SER A 80 -17.60 -6.30 7.58
N ASP A 81 -18.64 -7.10 7.37
CA ASP A 81 -18.40 -8.51 7.09
C ASP A 81 -18.29 -8.84 5.61
N LEU A 82 -18.27 -7.83 4.76
CA LEU A 82 -18.09 -8.02 3.32
C LEU A 82 -16.71 -7.59 2.83
N THR A 83 -16.21 -6.49 3.37
CA THR A 83 -14.92 -5.92 2.98
C THR A 83 -14.02 -5.77 4.19
N TYR A 84 -12.71 -5.76 3.98
CA TYR A 84 -11.74 -5.48 5.06
C TYR A 84 -11.61 -3.98 5.35
N SER A 85 -12.29 -3.13 4.57
CA SER A 85 -12.25 -1.69 4.91
C SER A 85 -12.74 -1.46 6.31
N GLY A 86 -12.24 -0.39 6.89
CA GLY A 86 -12.65 0.01 8.22
C GLY A 86 -11.52 -0.01 9.23
N TYR A 87 -11.91 -0.04 10.49
CA TYR A 87 -11.01 0.21 11.57
C TYR A 87 -10.25 -1.04 12.02
N VAL A 88 -8.98 -0.82 12.39
CA VAL A 88 -8.13 -1.83 13.03
C VAL A 88 -7.56 -1.17 14.27
N ALA A 89 -7.83 -1.76 15.43
CA ALA A 89 -7.30 -1.19 16.68
C ALA A 89 -5.81 -1.43 16.84
N SER A 90 -5.16 -0.54 17.59
CA SER A 90 -3.75 -0.71 17.92
CA SER A 90 -3.76 -0.72 17.92
C SER A 90 -3.52 -2.08 18.57
N GLY A 91 -2.41 -2.70 18.21
CA GLY A 91 -2.00 -3.96 18.76
C GLY A 91 -2.57 -5.17 18.03
N GLU A 92 -3.37 -4.97 17.00
CA GLU A 92 -3.91 -6.13 16.26
C GLU A 92 -2.96 -6.62 15.17
N GLU A 93 -2.27 -5.69 14.53
CA GLU A 93 -1.32 -6.09 13.49
C GLU A 93 -0.05 -6.53 14.12
N VAL A 94 0.57 -7.52 13.51
CA VAL A 94 1.76 -8.14 14.05
C VAL A 94 2.82 -8.23 12.97
N THR A 95 4.04 -7.85 13.32
CA THR A 95 5.21 -7.96 12.41
C THR A 95 6.30 -8.76 13.09
N ALA A 96 6.76 -9.84 12.47
CA ALA A 96 7.80 -10.69 13.04
C ALA A 96 7.44 -11.12 14.46
N GLY A 97 6.16 -11.44 14.65
CA GLY A 97 5.69 -11.97 15.93
C GLY A 97 5.38 -10.95 17.01
N LYS A 98 5.74 -9.69 16.78
CA LYS A 98 5.52 -8.67 17.79
C LYS A 98 4.41 -7.71 17.37
N PRO A 99 3.42 -7.46 18.24
CA PRO A 99 2.35 -6.52 17.89
C PRO A 99 2.88 -5.10 17.64
N ASP A 100 2.28 -4.48 16.64
CA ASP A 100 2.61 -3.13 16.21
C ASP A 100 1.65 -2.13 16.87
N PHE A 101 2.06 -0.88 16.90
CA PHE A 101 1.33 0.15 17.67
C PHE A 101 0.26 1.02 16.96
N PRO A 102 0.24 1.14 15.62
CA PRO A 102 -0.70 2.13 15.09
C PRO A 102 -2.14 1.65 15.07
N GLU A 103 -3.07 2.59 15.16
CA GLU A 103 -4.45 2.30 14.76
C GLU A 103 -4.61 2.69 13.31
N ILE A 104 -5.46 1.94 12.60
CA ILE A 104 -5.56 2.02 11.15
C ILE A 104 -7.00 2.10 10.71
N PHE A 105 -7.27 2.92 9.71
CA PHE A 105 -8.51 2.85 8.96
C PHE A 105 -8.11 2.50 7.52
N THR A 106 -8.62 1.38 7.01
CA THR A 106 -8.31 0.91 5.67
C THR A 106 -9.45 1.26 4.71
N VAL A 107 -9.10 1.87 3.57
CA VAL A 107 -10.09 2.19 2.54
C VAL A 107 -9.77 1.35 1.31
N CYS A 108 -10.62 0.37 1.02
CA CYS A 108 -10.58 -0.45 -0.20
CA CYS A 108 -10.48 -0.33 -0.26
C CYS A 108 -11.64 0.12 -1.15
N LYS A 109 -11.73 -0.47 -2.32
CA LYS A 109 -12.73 -0.09 -3.31
C LYS A 109 -14.12 -0.03 -2.70
N ASP A 110 -14.80 1.09 -2.83
CA ASP A 110 -16.07 1.33 -2.13
C ASP A 110 -17.21 0.93 -3.07
N LEU A 111 -17.68 -0.31 -2.95
CA LEU A 111 -18.65 -0.92 -3.86
C LEU A 111 -19.98 -1.09 -3.15
N SER A 112 -21.02 -0.60 -3.78
CA SER A 112 -22.36 -0.74 -3.19
C SER A 112 -22.84 -2.17 -3.28
N VAL A 113 -23.85 -2.53 -2.47
CA VAL A 113 -24.37 -3.89 -2.49
C VAL A 113 -25.04 -4.22 -3.83
N GLY A 114 -25.28 -3.23 -4.67
CA GLY A 114 -25.82 -3.46 -5.99
C GLY A 114 -24.80 -3.79 -7.07
N ASP A 115 -23.52 -3.63 -6.72
CA ASP A 115 -22.45 -3.96 -7.65
C ASP A 115 -22.48 -5.46 -7.92
N GLN A 116 -22.28 -5.89 -9.16
CA GLN A 116 -22.40 -7.31 -9.47
C GLN A 116 -21.43 -8.19 -8.67
N ARG A 117 -20.27 -7.67 -8.29
CA ARG A 117 -19.28 -8.46 -7.59
C ARG A 117 -19.72 -8.65 -6.13
N VAL A 118 -20.37 -7.63 -5.56
CA VAL A 118 -20.84 -7.70 -4.18
C VAL A 118 -22.06 -8.64 -4.15
N LYS A 119 -22.96 -8.51 -5.13
CA LYS A 119 -24.13 -9.37 -5.23
C LYS A 119 -23.69 -10.85 -5.31
N ALA A 120 -22.60 -11.11 -6.02
CA ALA A 120 -22.08 -12.44 -6.25
C ALA A 120 -21.19 -12.96 -5.11
N GLY A 121 -21.01 -12.13 -4.10
CA GLY A 121 -20.30 -12.57 -2.92
C GLY A 121 -18.81 -12.72 -3.06
N TRP A 122 -18.17 -12.00 -4.00
CA TRP A 122 -16.73 -12.11 -4.16
C TRP A 122 -16.05 -11.72 -2.86
N PRO A 123 -15.00 -12.45 -2.48
CA PRO A 123 -14.38 -12.06 -1.21
C PRO A 123 -13.80 -10.66 -1.27
N CYS A 124 -13.97 -9.93 -0.18
CA CYS A 124 -13.36 -8.63 0.07
C CYS A 124 -14.10 -7.45 -0.59
N HIS A 125 -15.19 -7.74 -1.33
CA HIS A 125 -15.93 -6.73 -2.06
C HIS A 125 -17.17 -6.26 -1.30
N GLY A 126 -17.21 -4.96 -1.01
CA GLY A 126 -18.36 -4.39 -0.31
C GLY A 126 -18.15 -2.93 -0.02
N PRO A 127 -19.14 -2.31 0.63
CA PRO A 127 -19.07 -0.88 0.87
C PRO A 127 -18.22 -0.59 2.10
N VAL A 128 -17.41 0.46 1.99
CA VAL A 128 -16.62 0.94 3.14
C VAL A 128 -17.53 1.36 4.28
N PRO A 129 -17.24 0.91 5.53
CA PRO A 129 -18.01 1.33 6.72
C PRO A 129 -17.53 2.69 7.22
N TRP A 130 -17.82 3.72 6.45
CA TRP A 130 -17.34 5.05 6.76
C TRP A 130 -17.83 5.55 8.12
N PRO A 131 -17.00 6.38 8.78
CA PRO A 131 -17.49 6.92 10.06
C PRO A 131 -18.56 7.97 9.87
N ASN A 132 -18.44 8.70 8.77
CA ASN A 132 -19.37 9.76 8.38
C ASN A 132 -19.04 10.24 6.95
N ASN A 133 -19.91 11.05 6.35
CA ASN A 133 -19.77 11.46 4.97
C ASN A 133 -18.67 12.46 4.78
N THR A 134 -18.31 13.21 5.81
CA THR A 134 -17.27 14.25 5.70
C THR A 134 -15.92 13.56 5.57
N TYR A 135 -15.67 12.57 6.43
CA TYR A 135 -14.46 11.74 6.33
C TYR A 135 -14.41 11.03 4.96
N GLN A 136 -15.54 10.45 4.54
CA GLN A 136 -15.62 9.78 3.24
C GLN A 136 -15.16 10.71 2.13
N LYS A 137 -15.68 11.93 2.08
CA LYS A 137 -15.32 12.83 0.98
C LYS A 137 -13.85 13.19 1.00
N SER A 138 -13.31 13.47 2.19
CA SER A 138 -11.90 13.79 2.31
C SER A 138 -11.03 12.65 1.79
N MET A 139 -11.34 11.40 2.16
CA MET A 139 -10.49 10.29 1.76
C MET A 139 -10.67 9.97 0.28
N LYS A 140 -11.90 10.01 -0.24
CA LYS A 140 -12.10 9.72 -1.67
C LYS A 140 -11.41 10.73 -2.55
N THR A 141 -11.48 12.01 -2.20
CA THR A 141 -10.87 13.05 -3.01
C THR A 141 -9.35 12.83 -3.05
N PHE A 142 -8.77 12.54 -1.89
CA PHE A 142 -7.34 12.26 -1.80
C PHE A 142 -6.94 11.04 -2.66
N MET A 143 -7.70 9.95 -2.54
CA MET A 143 -7.38 8.72 -3.25
C MET A 143 -7.52 8.89 -4.77
N GLU A 144 -8.43 9.75 -5.23
CA GLU A 144 -8.53 10.03 -6.68
C GLU A 144 -7.24 10.67 -7.18
N GLU A 145 -6.68 11.60 -6.42
CA GLU A 145 -5.41 12.23 -6.82
C GLU A 145 -4.23 11.27 -6.75
N LEU A 146 -4.21 10.46 -5.69
CA LEU A 146 -3.17 9.45 -5.55
C LEU A 146 -3.24 8.50 -6.75
N GLY A 147 -4.42 8.12 -7.21
CA GLY A 147 -4.52 7.22 -8.33
C GLY A 147 -3.95 7.82 -9.61
N LEU A 148 -4.19 9.10 -9.86
CA LEU A 148 -3.62 9.73 -11.04
C LEU A 148 -2.10 9.70 -11.00
N ALA A 149 -1.54 9.94 -9.83
CA ALA A 149 -0.08 9.84 -9.68
C ALA A 149 0.43 8.43 -9.87
N GLY A 150 -0.28 7.43 -9.32
CA GLY A 150 0.08 6.03 -9.50
C GLY A 150 0.12 5.63 -10.97
N GLU A 151 -0.84 6.07 -11.74
CA GLU A 151 -0.84 5.74 -13.18
C GLU A 151 0.32 6.39 -13.92
N ARG A 152 0.62 7.66 -13.61
CA ARG A 152 1.79 8.30 -14.20
C ARG A 152 3.07 7.55 -13.87
N LEU A 153 3.22 7.19 -12.61
CA LEU A 153 4.39 6.50 -12.17
C LEU A 153 4.55 5.17 -12.88
N LEU A 154 3.46 4.43 -13.06
CA LEU A 154 3.55 3.12 -13.69
C LEU A 154 3.82 3.21 -15.18
N LYS A 155 3.34 4.24 -15.86
CA LYS A 155 3.72 4.45 -17.26
C LYS A 155 5.21 4.81 -17.36
N LEU A 156 5.70 5.66 -16.47
CA LEU A 156 7.12 6.06 -16.50
C LEU A 156 8.01 4.87 -16.18
N THR A 157 7.59 3.99 -15.29
CA THR A 157 8.40 2.83 -14.90
C THR A 157 8.48 1.86 -16.06
N ALA A 158 7.36 1.60 -16.74
CA ALA A 158 7.38 0.76 -17.95
C ALA A 158 8.35 1.36 -18.95
N LEU A 159 8.21 2.64 -19.23
CA LEU A 159 9.08 3.30 -20.22
C LEU A 159 10.54 3.24 -19.85
N GLY A 160 10.85 3.40 -18.58
CA GLY A 160 12.23 3.38 -18.12
C GLY A 160 12.88 2.03 -18.32
N PHE A 161 12.09 0.96 -18.36
CA PHE A 161 12.60 -0.38 -18.65
C PHE A 161 12.50 -0.73 -20.13
N GLU A 162 12.13 0.25 -20.96
CA GLU A 162 11.92 0.04 -22.42
C GLU A 162 10.82 -1.01 -22.69
N LEU A 163 9.79 -0.99 -21.86
CA LEU A 163 8.59 -1.83 -22.02
C LEU A 163 7.49 -1.02 -22.65
N PRO A 164 6.52 -1.67 -23.31
CA PRO A 164 5.34 -0.93 -23.79
C PRO A 164 4.76 -0.08 -22.67
N ILE A 165 4.36 1.14 -23.00
CA ILE A 165 3.92 2.13 -22.01
C ILE A 165 2.80 1.62 -21.10
N ASN A 166 1.91 0.79 -21.61
CA ASN A 166 0.79 0.27 -20.82
C ASN A 166 1.01 -1.08 -20.15
N THR A 167 2.27 -1.52 -20.04
CA THR A 167 2.56 -2.84 -19.48
C THR A 167 1.99 -3.00 -18.06
N PHE A 168 2.20 -1.99 -17.22
CA PHE A 168 1.67 -2.09 -15.84
C PHE A 168 0.25 -1.57 -15.78
N THR A 169 -0.07 -0.49 -16.50
CA THR A 169 -1.40 0.09 -16.36
C THR A 169 -2.48 -0.82 -16.96
N ASP A 170 -2.13 -1.73 -17.86
CA ASP A 170 -3.13 -2.72 -18.31
C ASP A 170 -3.57 -3.61 -17.13
N LEU A 171 -2.65 -3.90 -16.23
CA LEU A 171 -2.97 -4.72 -15.06
C LEU A 171 -3.78 -3.96 -14.03
N THR A 172 -3.64 -2.65 -13.99
CA THR A 172 -4.21 -1.83 -12.91
C THR A 172 -5.52 -1.15 -13.32
N ARG A 173 -6.08 -1.50 -14.47
CA ARG A 173 -7.41 -1.03 -14.85
C ARG A 173 -8.41 -1.49 -13.80
N ASP A 174 -9.23 -0.57 -13.28
CA ASP A 174 -10.12 -0.83 -12.15
C ASP A 174 -9.35 -1.57 -11.02
N GLY A 175 -8.12 -1.14 -10.79
CA GLY A 175 -7.27 -1.80 -9.85
C GLY A 175 -7.75 -1.75 -8.42
N TRP A 176 -7.23 -2.67 -7.63
CA TRP A 176 -7.63 -2.82 -6.22
C TRP A 176 -6.87 -1.84 -5.33
N HIS A 177 -6.97 -0.58 -5.69
CA HIS A 177 -6.23 0.46 -4.98
C HIS A 177 -6.79 0.59 -3.59
N HIS A 178 -5.91 0.80 -2.61
CA HIS A 178 -6.41 0.91 -1.23
C HIS A 178 -5.44 1.70 -0.42
N MET A 179 -5.93 2.24 0.70
CA MET A 179 -5.11 3.13 1.52
C MET A 179 -5.26 2.74 2.96
N ARG A 180 -4.13 2.74 3.65
CA ARG A 180 -4.09 2.56 5.09
CA ARG A 180 -4.08 2.57 5.09
C ARG A 180 -3.81 3.91 5.73
N VAL A 181 -4.77 4.40 6.53
CA VAL A 181 -4.71 5.67 7.20
C VAL A 181 -4.27 5.39 8.63
N LEU A 182 -3.09 5.86 9.00
CA LEU A 182 -2.40 5.46 10.23
C LEU A 182 -2.31 6.56 11.28
N ARG A 183 -2.49 6.17 12.53
CA ARG A 183 -2.10 7.03 13.65
C ARG A 183 -1.18 6.26 14.57
N PHE A 184 0.01 6.78 14.78
CA PHE A 184 0.93 6.23 15.79
C PHE A 184 0.85 6.99 17.10
N PRO A 185 0.80 6.28 18.22
CA PRO A 185 0.77 6.97 19.53
C PRO A 185 2.14 7.60 19.87
N PRO A 186 2.15 8.53 20.80
CA PRO A 186 3.42 8.92 21.39
C PRO A 186 4.09 7.72 22.06
N GLN A 187 5.41 7.79 22.18
CA GLN A 187 6.12 6.87 23.02
C GLN A 187 5.64 6.97 24.46
N THR A 188 5.44 5.82 25.12
CA THR A 188 4.95 5.76 26.51
C THR A 188 5.81 4.91 27.44
N SER A 189 6.93 4.39 26.93
CA SER A 189 7.85 3.62 27.74
C SER A 189 9.20 3.61 27.02
N THR A 190 10.15 2.78 27.43
CA THR A 190 11.39 2.63 26.66
C THR A 190 11.17 2.06 25.25
N LEU A 191 10.02 1.43 24.98
CA LEU A 191 9.78 0.82 23.66
C LEU A 191 9.43 1.87 22.64
N SER A 192 10.06 1.82 21.47
CA SER A 192 9.72 2.78 20.45
C SER A 192 9.56 2.16 19.08
N ARG A 193 9.47 0.83 19.01
CA ARG A 193 9.24 0.14 17.73
C ARG A 193 7.77 0.24 17.37
N GLY A 194 7.44 1.22 16.56
CA GLY A 194 6.05 1.42 16.18
C GLY A 194 5.53 0.32 15.26
N ILE A 195 6.31 0.06 14.22
CA ILE A 195 6.17 -1.09 13.34
C ILE A 195 7.57 -1.60 13.09
N GLY A 196 7.71 -2.91 13.15
CA GLY A 196 9.00 -3.49 12.85
C GLY A 196 9.35 -3.49 11.36
N ALA A 197 10.60 -3.82 11.04
CA ALA A 197 11.05 -3.86 9.66
C ALA A 197 10.22 -4.86 8.86
N HIS A 198 9.79 -4.46 7.68
CA HIS A 198 8.99 -5.32 6.80
C HIS A 198 9.03 -4.73 5.41
N THR A 199 8.52 -5.53 4.48
CA THR A 199 8.25 -5.03 3.13
C THR A 199 6.76 -5.13 2.86
N ASP A 200 6.27 -4.25 2.01
CA ASP A 200 4.83 -4.19 1.70
C ASP A 200 4.46 -5.14 0.56
N TYR A 201 3.29 -5.75 0.69
CA TYR A 201 2.79 -6.80 -0.22
C TYR A 201 2.33 -6.36 -1.57
N GLY A 202 2.23 -5.05 -1.78
CA GLY A 202 1.61 -4.51 -2.95
C GLY A 202 2.52 -4.26 -4.15
N LEU A 203 2.00 -3.54 -5.13
CA LEU A 203 2.74 -3.20 -6.32
C LEU A 203 3.55 -1.90 -6.15
N LEU A 204 2.88 -0.79 -5.93
CA LEU A 204 3.50 0.52 -5.81
C LEU A 204 2.93 1.22 -4.56
N VAL A 205 3.77 1.79 -3.69
CA VAL A 205 3.32 2.49 -2.48
C VAL A 205 3.64 3.99 -2.58
N ILE A 206 2.62 4.84 -2.40
CA ILE A 206 2.76 6.27 -2.27
C ILE A 206 2.44 6.62 -0.83
N ALA A 207 3.37 7.28 -0.17
CA ALA A 207 3.26 7.57 1.25
C ALA A 207 3.22 9.08 1.50
N ALA A 208 2.38 9.47 2.45
CA ALA A 208 2.28 10.84 2.88
C ALA A 208 2.34 10.91 4.40
N GLN A 209 2.91 11.98 4.93
CA GLN A 209 3.02 12.09 6.37
C GLN A 209 2.89 13.51 6.83
N ASP A 210 2.61 13.68 8.12
CA ASP A 210 2.51 15.00 8.73
C ASP A 210 3.92 15.46 9.10
N ASP A 211 4.07 16.48 9.94
CA ASP A 211 5.42 17.04 10.16
C ASP A 211 6.17 16.39 11.31
N VAL A 212 5.64 15.30 11.87
CA VAL A 212 6.24 14.78 13.10
C VAL A 212 7.55 13.99 12.91
N GLY A 213 7.51 12.99 12.07
CA GLY A 213 8.66 12.17 11.75
C GLY A 213 8.70 10.82 12.43
N GLY A 214 9.04 9.79 11.67
CA GLY A 214 9.22 8.46 12.21
C GLY A 214 9.45 7.32 11.24
N LEU A 215 9.33 7.57 9.94
CA LEU A 215 9.50 6.50 8.93
C LEU A 215 10.97 6.37 8.56
N TYR A 216 11.48 5.13 8.58
CA TYR A 216 12.84 4.83 8.12
C TYR A 216 12.73 3.78 7.02
N ILE A 217 13.56 3.94 5.99
CA ILE A 217 13.60 2.99 4.89
C ILE A 217 14.99 2.48 4.65
N ARG A 218 15.11 1.29 4.07
CA ARG A 218 16.45 0.73 3.75
C ARG A 218 16.70 0.75 2.25
N PRO A 219 17.77 1.43 1.83
CA PRO A 219 18.13 1.38 0.40
C PRO A 219 18.65 0.00 0.00
N PRO A 220 18.74 -0.29 -1.32
CA PRO A 220 19.49 -1.47 -1.73
C PRO A 220 20.91 -1.43 -1.20
N VAL A 221 21.43 -2.60 -0.81
CA VAL A 221 22.78 -2.74 -0.28
C VAL A 221 23.53 -3.75 -1.12
N GLU A 222 24.67 -3.37 -1.67
CA GLU A 222 25.40 -4.30 -2.54
C GLU A 222 25.88 -5.51 -1.72
N GLY A 223 25.60 -6.70 -2.22
CA GLY A 223 25.99 -7.92 -1.56
C GLY A 223 25.02 -8.46 -0.54
N GLU A 224 23.93 -7.73 -0.31
CA GLU A 224 22.98 -8.14 0.72
C GLU A 224 21.86 -8.97 0.12
N LYS A 225 21.62 -10.14 0.71
CA LYS A 225 20.57 -11.04 0.24
C LYS A 225 19.20 -10.56 0.68
N ARG A 226 18.30 -10.43 -0.28
CA ARG A 226 16.92 -10.05 0.02
C ARG A 226 15.97 -11.20 -0.24
N ASN A 227 15.02 -11.36 0.68
CA ASN A 227 14.03 -12.41 0.56
C ASN A 227 12.92 -11.97 -0.40
N ARG A 228 12.23 -12.97 -0.95
CA ARG A 228 11.10 -12.76 -1.84
C ARG A 228 9.86 -12.92 -0.96
N ASN A 229 9.35 -11.82 -0.41
CA ASN A 229 8.36 -11.86 0.67
C ASN A 229 7.00 -12.42 0.23
N TRP A 230 6.75 -12.52 -1.07
CA TRP A 230 5.54 -13.20 -1.54
C TRP A 230 5.57 -14.73 -1.42
N LEU A 231 6.72 -15.31 -1.07
CA LEU A 231 6.85 -16.76 -0.94
C LEU A 231 6.76 -17.16 0.52
N PRO A 232 6.03 -18.25 0.80
CA PRO A 232 6.10 -18.88 2.12
C PRO A 232 7.53 -19.29 2.40
N GLY A 233 8.04 -18.96 3.56
CA GLY A 233 9.37 -19.42 3.89
C GLY A 233 10.43 -18.40 3.53
N GLU A 234 10.03 -17.32 2.87
CA GLU A 234 10.96 -16.22 2.64
C GLU A 234 10.41 -14.87 3.16
N SER A 235 9.85 -14.89 4.34
CA SER A 235 9.38 -13.65 4.91
C SER A 235 10.50 -12.64 5.08
N SER A 236 10.25 -11.38 4.75
CA SER A 236 11.20 -10.29 5.01
C SER A 236 11.01 -9.66 6.39
N ALA A 237 10.04 -10.13 7.16
CA ALA A 237 9.72 -9.46 8.42
C ALA A 237 10.88 -9.54 9.41
N GLY A 238 11.19 -8.39 9.99
CA GLY A 238 12.22 -8.24 10.98
C GLY A 238 13.64 -8.14 10.44
N MET A 239 13.81 -8.40 9.14
CA MET A 239 15.17 -8.47 8.60
C MET A 239 15.81 -7.08 8.56
N PHE A 240 17.06 -7.05 9.00
CA PHE A 240 17.93 -5.85 8.97
C PHE A 240 17.55 -4.79 10.00
N GLU A 241 16.59 -5.05 10.88
CA GLU A 241 16.01 -4.01 11.67
C GLU A 241 17.04 -3.23 12.52
N HIS A 242 18.09 -3.89 12.99
CA HIS A 242 19.07 -3.26 13.89
C HIS A 242 20.42 -3.00 13.30
N ASP A 243 20.50 -3.05 11.96
CA ASP A 243 21.73 -2.78 11.22
C ASP A 243 21.55 -1.65 10.19
N GLU A 244 22.56 -0.80 10.13
CA GLU A 244 22.58 0.25 9.11
C GLU A 244 22.65 -0.43 7.74
N PRO A 245 22.24 0.26 6.65
CA PRO A 245 21.70 1.61 6.63
C PRO A 245 20.20 1.68 6.77
N TRP A 246 19.73 2.66 7.56
CA TRP A 246 18.34 3.06 7.58
C TRP A 246 18.28 4.57 7.36
N THR A 247 17.55 4.98 6.33
CA THR A 247 17.39 6.37 5.97
C THR A 247 16.15 6.94 6.61
N PHE A 248 16.29 8.04 7.35
CA PHE A 248 15.14 8.72 7.92
C PHE A 248 14.46 9.50 6.83
N VAL A 249 13.14 9.28 6.67
CA VAL A 249 12.38 9.99 5.64
C VAL A 249 11.91 11.30 6.29
N THR A 250 12.71 12.36 6.10
CA THR A 250 12.45 13.60 6.78
C THR A 250 11.13 14.19 6.32
N PRO A 251 10.25 14.56 7.25
CA PRO A 251 9.04 15.26 6.82
C PRO A 251 9.40 16.54 6.05
N THR A 252 8.80 16.68 4.88
CA THR A 252 9.15 17.74 3.95
C THR A 252 7.84 18.30 3.39
N PRO A 253 7.59 19.61 3.50
CA PRO A 253 6.40 20.13 2.84
C PRO A 253 6.38 19.89 1.33
N GLY A 254 5.21 19.59 0.78
CA GLY A 254 5.03 19.62 -0.66
C GLY A 254 5.56 18.44 -1.45
N VAL A 255 5.65 17.30 -0.80
CA VAL A 255 6.02 16.05 -1.45
C VAL A 255 5.21 14.87 -0.92
N TRP A 256 5.12 13.84 -1.76
CA TRP A 256 4.82 12.49 -1.34
C TRP A 256 6.09 11.66 -1.55
N THR A 257 6.19 10.50 -0.91
CA THR A 257 7.26 9.58 -1.25
C THR A 257 6.71 8.35 -1.93
N VAL A 258 7.58 7.65 -2.65
CA VAL A 258 7.19 6.51 -3.48
C VAL A 258 8.22 5.42 -3.39
N PHE A 259 7.75 4.21 -3.12
CA PHE A 259 8.68 3.06 -3.15
C PHE A 259 8.01 1.81 -3.72
N PRO A 260 8.83 0.88 -4.25
CA PRO A 260 8.28 -0.37 -4.78
C PRO A 260 7.88 -1.36 -3.73
N GLY A 261 6.81 -2.09 -4.00
CA GLY A 261 6.38 -3.22 -3.20
C GLY A 261 6.81 -4.57 -3.74
N ASP A 262 6.34 -5.60 -3.05
CA ASP A 262 6.69 -6.98 -3.35
C ASP A 262 6.31 -7.34 -4.77
N ILE A 263 5.15 -6.90 -5.26
CA ILE A 263 4.72 -7.31 -6.61
C ILE A 263 5.64 -6.68 -7.67
N LEU A 264 6.17 -5.47 -7.44
CA LEU A 264 7.12 -4.92 -8.40
C LEU A 264 8.45 -5.66 -8.35
N GLN A 265 8.89 -6.10 -7.18
CA GLN A 265 10.08 -6.91 -7.07
C GLN A 265 9.87 -8.21 -7.88
N PHE A 266 8.71 -8.84 -7.72
CA PHE A 266 8.42 -10.09 -8.46
C PHE A 266 8.42 -9.85 -9.98
N MET A 267 7.73 -8.81 -10.42
CA MET A 267 7.57 -8.62 -11.87
C MET A 267 8.91 -8.26 -12.50
N THR A 268 9.77 -7.53 -11.78
CA THR A 268 11.03 -7.11 -12.35
C THR A 268 12.17 -8.09 -12.04
N GLY A 269 11.84 -9.21 -11.39
CA GLY A 269 12.85 -10.21 -11.07
C GLY A 269 13.96 -9.67 -10.19
N GLY A 270 13.61 -8.73 -9.34
CA GLY A 270 14.58 -8.17 -8.41
C GLY A 270 15.38 -7.00 -8.94
N GLN A 271 15.10 -6.54 -10.17
CA GLN A 271 15.79 -5.33 -10.62
C GLN A 271 15.32 -4.13 -9.79
N LEU A 272 14.05 -4.17 -9.33
CA LEU A 272 13.60 -3.34 -8.24
C LEU A 272 13.44 -4.25 -7.05
N LEU A 273 13.82 -3.74 -5.89
CA LEU A 273 13.60 -4.45 -4.63
C LEU A 273 12.46 -3.82 -3.83
N SER A 274 11.60 -4.62 -3.21
CA SER A 274 10.59 -4.08 -2.32
C SER A 274 11.30 -3.40 -1.16
N THR A 275 10.99 -2.13 -0.87
CA THR A 275 11.82 -1.35 0.08
C THR A 275 11.47 -1.70 1.53
N PRO A 276 12.43 -2.24 2.28
CA PRO A 276 12.14 -2.45 3.70
C PRO A 276 11.95 -1.14 4.42
N HIS A 277 11.05 -1.15 5.41
CA HIS A 277 10.79 0.06 6.15
C HIS A 277 10.27 -0.32 7.52
N LYS A 278 10.38 0.68 8.40
CA LYS A 278 9.98 0.53 9.80
C LYS A 278 9.59 1.90 10.33
N VAL A 279 8.84 1.92 11.44
CA VAL A 279 8.41 3.19 12.04
C VAL A 279 8.82 3.23 13.51
N LYS A 280 9.42 4.35 13.89
CA LYS A 280 9.78 4.68 15.27
C LYS A 280 8.70 5.57 15.86
N LEU A 281 8.17 5.23 17.03
CA LEU A 281 7.32 6.16 17.76
C LEU A 281 8.08 7.42 18.10
N ASN A 282 7.41 8.56 17.94
CA ASN A 282 7.97 9.85 18.30
C ASN A 282 7.50 10.19 19.71
N THR A 283 7.86 11.35 20.22
CA THR A 283 7.40 11.76 21.55
C THR A 283 5.98 12.39 21.53
N ARG A 284 5.44 12.55 20.33
CA ARG A 284 4.06 12.93 20.12
C ARG A 284 3.46 12.03 19.05
N GLU A 285 2.12 12.03 18.97
CA GLU A 285 1.40 11.23 17.99
C GLU A 285 1.78 11.66 16.59
N ARG A 286 1.71 10.71 15.67
CA ARG A 286 2.09 10.91 14.27
C ARG A 286 1.04 10.37 13.34
N PHE A 287 0.67 11.16 12.34
CA PHE A 287 -0.30 10.71 11.31
C PHE A 287 0.38 10.52 10.01
N ALA A 288 0.02 9.43 9.33
CA ALA A 288 0.51 9.15 7.99
C ALA A 288 -0.51 8.35 7.20
N CYS A 289 -0.29 8.24 5.88
CA CYS A 289 -1.15 7.48 4.97
C CYS A 289 -0.23 6.68 4.07
N ALA A 290 -0.59 5.42 3.77
CA ALA A 290 0.11 4.61 2.82
C ALA A 290 -0.89 4.16 1.77
N TYR A 291 -0.67 4.62 0.54
CA TYR A 291 -1.55 4.31 -0.56
C TYR A 291 -0.93 3.23 -1.46
N PHE A 292 -1.71 2.19 -1.74
CA PHE A 292 -1.32 1.06 -2.59
C PHE A 292 -2.02 1.19 -3.94
N HIS A 293 -1.23 1.30 -4.98
CA HIS A 293 -1.73 1.37 -6.36
C HIS A 293 -1.51 -0.03 -6.96
N GLU A 294 -2.60 -0.76 -7.17
CA GLU A 294 -2.58 -2.22 -7.30
C GLU A 294 -3.17 -2.73 -8.60
N PRO A 295 -2.81 -3.96 -8.98
CA PRO A 295 -3.52 -4.67 -10.03
C PRO A 295 -5.02 -4.85 -9.73
N ASN A 296 -5.78 -5.08 -10.79
CA ASN A 296 -7.17 -5.53 -10.69
C ASN A 296 -7.19 -6.82 -9.84
N PHE A 297 -8.28 -7.00 -9.10
CA PHE A 297 -8.48 -8.20 -8.28
C PHE A 297 -8.37 -9.47 -9.12
N GLU A 298 -8.76 -9.39 -10.39
CA GLU A 298 -8.76 -10.57 -11.27
C GLU A 298 -7.46 -10.69 -12.09
N ALA A 299 -6.53 -9.74 -11.96
CA ALA A 299 -5.30 -9.75 -12.74
C ALA A 299 -4.23 -10.61 -12.10
N SER A 300 -3.30 -11.10 -12.93
CA SER A 300 -2.15 -11.84 -12.42
C SER A 300 -0.88 -11.16 -12.85
N ALA A 301 -0.05 -10.89 -11.88
CA ALA A 301 1.29 -10.42 -12.13
C ALA A 301 2.14 -11.56 -12.64
N TYR A 302 3.12 -11.22 -13.48
CA TYR A 302 3.98 -12.21 -14.14
C TYR A 302 5.42 -11.62 -14.27
N PRO A 303 6.43 -12.48 -14.40
CA PRO A 303 7.81 -11.98 -14.57
C PRO A 303 8.00 -11.36 -15.94
N LEU A 304 8.42 -10.11 -15.98
CA LEU A 304 8.53 -9.37 -17.24
C LEU A 304 9.73 -9.78 -18.06
N PHE A 305 10.80 -10.15 -17.38
CA PHE A 305 12.07 -10.33 -18.06
C PHE A 305 12.49 -11.79 -18.17
N GLU A 306 11.61 -12.68 -17.69
CA GLU A 306 11.82 -14.14 -17.75
C GLU A 306 10.58 -14.77 -18.41
N PRO A 307 10.55 -14.79 -19.74
CA PRO A 307 9.35 -15.25 -20.47
C PRO A 307 9.03 -16.73 -20.29
N SER A 308 10.06 -17.53 -19.99
CA SER A 308 9.86 -18.95 -19.77
C SER A 308 9.41 -19.29 -18.35
N ALA A 309 9.20 -18.27 -17.51
CA ALA A 309 8.83 -18.54 -16.14
C ALA A 309 7.31 -18.69 -16.00
N ASN A 310 6.88 -19.78 -15.37
CA ASN A 310 5.46 -20.09 -15.20
C ASN A 310 4.83 -19.46 -13.97
N GLU A 311 5.63 -18.88 -13.10
CA GLU A 311 5.06 -18.45 -11.84
C GLU A 311 4.22 -17.17 -12.04
N ARG A 312 3.16 -17.05 -11.25
CA ARG A 312 2.24 -15.91 -11.30
C ARG A 312 1.86 -15.54 -9.90
N ILE A 313 1.44 -14.29 -9.71
CA ILE A 313 0.74 -13.88 -8.48
C ILE A 313 -0.66 -13.42 -8.89
N HIS A 314 -1.68 -14.20 -8.55
CA HIS A 314 -3.06 -13.78 -8.79
C HIS A 314 -3.40 -12.75 -7.74
N TYR A 315 -3.75 -11.52 -8.11
CA TYR A 315 -3.77 -10.47 -7.11
C TYR A 315 -4.90 -10.68 -6.06
N GLY A 316 -6.08 -11.05 -6.52
CA GLY A 316 -7.21 -11.21 -5.58
C GLY A 316 -6.89 -12.31 -4.57
N GLU A 317 -6.33 -13.43 -5.02
CA GLU A 317 -5.92 -14.49 -4.12
C GLU A 317 -4.86 -13.96 -3.10
N HIS A 318 -3.88 -13.22 -3.61
CA HIS A 318 -2.82 -12.63 -2.79
C HIS A 318 -3.37 -11.72 -1.69
N PHE A 319 -4.22 -10.79 -2.10
CA PHE A 319 -4.83 -9.84 -1.16
C PHE A 319 -5.69 -10.61 -0.14
N THR A 320 -6.57 -11.47 -0.63
CA THR A 320 -7.53 -12.13 0.27
C THR A 320 -6.81 -12.96 1.30
N ASN A 321 -5.84 -13.76 0.85
CA ASN A 321 -5.05 -14.53 1.79
C ASN A 321 -4.28 -13.66 2.79
N MET A 322 -3.68 -12.58 2.32
CA MET A 322 -3.00 -11.66 3.24
C MET A 322 -3.92 -11.16 4.36
N PHE A 323 -5.11 -10.68 3.98
CA PHE A 323 -5.95 -10.08 4.99
C PHE A 323 -6.64 -11.13 5.89
N MET A 324 -6.94 -12.32 5.36
CA MET A 324 -7.42 -13.38 6.21
C MET A 324 -6.36 -13.75 7.27
N ARG A 325 -5.09 -13.69 6.90
CA ARG A 325 -4.03 -14.01 7.86
C ARG A 325 -3.79 -12.86 8.84
N CYS A 326 -3.87 -11.63 8.36
CA CYS A 326 -3.74 -10.47 9.23
C CYS A 326 -4.79 -10.44 10.32
N TYR A 327 -6.04 -10.76 9.94
CA TYR A 327 -7.22 -10.48 10.78
C TYR A 327 -8.07 -11.74 10.85
N PRO A 328 -7.51 -12.78 11.46
CA PRO A 328 -8.17 -14.08 11.41
C PRO A 328 -9.53 -14.15 12.14
N ASP A 329 -9.81 -13.22 13.07
CA ASP A 329 -11.06 -13.28 13.82
C ASP A 329 -12.03 -12.15 13.42
N ARG A 330 -11.66 -11.34 12.45
CA ARG A 330 -12.54 -10.27 12.00
C ARG A 330 -13.81 -10.87 11.40
N ILE A 331 -14.92 -10.16 11.50
CA ILE A 331 -16.18 -10.68 10.98
C ILE A 331 -16.06 -10.90 9.45
N THR A 332 -15.17 -10.15 8.77
CA THR A 332 -14.96 -10.34 7.34
C THR A 332 -14.43 -11.74 7.06
N THR A 333 -13.45 -12.15 7.86
CA THR A 333 -12.83 -13.44 7.67
C THR A 333 -13.81 -14.54 8.04
N GLN A 334 -14.58 -14.36 9.12
CA GLN A 334 -15.57 -15.33 9.50
C GLN A 334 -16.60 -15.62 8.39
N ARG A 335 -17.04 -14.57 7.71
CA ARG A 335 -18.04 -14.74 6.67
C ARG A 335 -17.45 -15.41 5.43
N ILE A 336 -16.18 -15.13 5.13
CA ILE A 336 -15.50 -15.78 3.99
C ILE A 336 -15.53 -17.25 4.29
N ASN A 337 -15.25 -17.62 5.54
CA ASN A 337 -15.18 -19.04 5.88
C ASN A 337 -16.57 -19.67 5.91
N LYS A 338 -17.54 -18.97 6.49
CA LYS A 338 -18.88 -19.53 6.63
C LYS A 338 -19.51 -19.80 5.25
N GLU A 339 -19.29 -18.89 4.30
CA GLU A 339 -19.95 -18.98 2.99
C GLU A 339 -19.03 -19.51 1.92
N ASN A 340 -17.85 -19.99 2.33
CA ASN A 340 -16.84 -20.51 1.41
C ASN A 340 -16.56 -19.57 0.25
N ARG A 341 -16.33 -18.31 0.55
CA ARG A 341 -16.16 -17.32 -0.51
C ARG A 341 -14.88 -17.49 -1.30
N LEU A 342 -13.91 -18.24 -0.79
CA LEU A 342 -12.71 -18.48 -1.57
C LEU A 342 -13.02 -19.31 -2.83
N ALA A 343 -14.13 -20.04 -2.81
CA ALA A 343 -14.53 -20.82 -4.00
C ALA A 343 -14.77 -19.91 -5.21
N HIS A 344 -15.15 -18.64 -4.98
CA HIS A 344 -15.40 -17.74 -6.09
C HIS A 344 -14.13 -17.40 -6.85
N LEU A 345 -13.02 -17.30 -6.13
CA LEU A 345 -11.71 -17.08 -6.75
C LEU A 345 -11.33 -18.22 -7.66
N GLU A 346 -11.55 -19.45 -7.20
CA GLU A 346 -11.27 -20.64 -8.03
C GLU A 346 -12.08 -20.54 -9.31
N ASP A 347 -13.34 -20.13 -9.16
CA ASP A 347 -14.23 -20.09 -10.31
C ASP A 347 -13.83 -19.01 -11.32
N LEU A 348 -13.42 -17.85 -10.81
CA LEU A 348 -13.13 -16.74 -11.73
C LEU A 348 -11.94 -17.00 -12.67
N LYS A 349 -11.09 -17.94 -12.30
CA LYS A 349 -9.96 -18.34 -13.16
C LYS A 349 -10.32 -19.28 -14.33
N LYS A 350 -11.48 -19.93 -14.27
CA LYS A 350 -11.72 -21.17 -15.02
C LYS A 350 -11.48 -21.15 -16.55
N TYR A 351 -12.05 -20.19 -17.28
CA TYR A 351 -11.97 -20.23 -18.76
C TYR A 351 -11.06 -19.15 -19.39
N SER A 352 -10.02 -18.77 -18.64
CA SER A 352 -9.06 -17.76 -19.08
C SER A 352 -7.79 -18.40 -19.65
N ASP A 353 -7.03 -17.63 -20.43
CA ASP A 353 -5.76 -18.09 -21.01
C ASP A 353 -4.61 -17.89 -20.01
MN MN B . 4.56 -1.07 5.42
CL CL C . 4.35 5.53 8.16
C1 B3P D . 1.93 -3.74 5.24
C2 B3P D . 1.69 -2.26 5.13
C3 B3P D . 2.04 -3.96 6.72
N1 B3P D . 1.56 -5.22 7.26
C4 B3P D . 2.38 -5.55 8.42
C5 B3P D . 3.45 -6.52 7.91
C6 B3P D . 3.12 -4.39 9.12
C7 B3P D . 1.47 -6.27 9.42
N2 B3P D . 2.46 -1.49 6.13
C8 B3P D . 2.10 -0.08 6.19
C9 B3P D . 2.33 0.66 4.88
C10 B3P D . 2.91 0.51 7.33
C11 B3P D . 0.61 0.13 6.48
O1 B3P D . 3.65 0.51 4.45
O2 B3P D . 4.31 0.28 7.07
O3 B3P D . 0.17 -0.83 7.39
O4 B3P D . 4.49 -6.52 8.86
O5 B3P D . 2.53 -3.10 9.07
O6 B3P D . 0.22 -6.37 8.80
C1 GOL E . 15.25 -10.90 13.19
O1 GOL E . 16.49 -11.60 13.36
C2 GOL E . 14.11 -11.89 12.97
O2 GOL E . 12.86 -11.25 13.15
C3 GOL E . 14.19 -12.47 11.59
O3 GOL E . 14.00 -11.45 10.63
C1 GOL F . -16.17 13.47 12.93
O1 GOL F . -15.81 14.84 13.11
C2 GOL F . -14.88 12.63 12.86
O2 GOL F . -15.24 11.27 12.89
C3 GOL F . -13.98 12.89 11.65
O3 GOL F . -14.62 12.69 10.42
#